data_7GTG
#
_entry.id   7GTG
#
_cell.length_a   90.204
_cell.length_b   90.204
_cell.length_c   106.765
_cell.angle_alpha   90.000
_cell.angle_beta   90.000
_cell.angle_gamma   120.000
#
_symmetry.space_group_name_H-M   'P 31 2 1'
#
loop_
_entity.id
_entity.type
_entity.pdbx_description
1 polymer 'Tyrosine-protein phosphatase non-receptor type 1'
2 non-polymer 2-AMINO-2-HYDROXYMETHYL-PROPANE-1,3-DIOL
3 non-polymer (5R,7S,8R,8aS)-2-(cyclopropylmethyl)-8-phenyloctahydropyrrolo[1,2-a]pyrazine-7-carboxamide
4 water water
#
_entity_poly.entity_id   1
_entity_poly.type   'polypeptide(L)'
_entity_poly.pdbx_seq_one_letter_code
;MEMEKEFEQIDKSGSWAAIYQDIRHEASDFPSRVAKLPKNKNRNRYRDVSPFDHSRIKLHQEDNDYINASLIKMEEAQRS
YILTQGPLPNTVGHFWEMVWEQKSRGVVMLNRVMEKGSLKCAQYWPQKEEKEMIFEDTNLKLTLISEDIKSYYTVRQLEL
ENLTTQETREILHFHYTTWPDFGVPESPASFLNFLFKVRESGSLSPEHGPVVVHCSAGIGRSGTFCLADTCLLLMDKRKD
PSSVDIKKVLLEMRKFRMGLIQTADQLRFSYLAVIEGAKFIMGDSSVQDQWKELSHEDLEPPPEHIPPPPRPPKRILEPH
N
;
_entity_poly.pdbx_strand_id   A
#
loop_
_chem_comp.id
_chem_comp.type
_chem_comp.name
_chem_comp.formula
A1ABN non-polymer (5R,7S,8R,8aS)-2-(cyclopropylmethyl)-8-phenyloctahydropyrrolo[1,2-a]pyrazine-7-carboxamide 'C18 H25 N3 O'
TRS non-polymer 2-AMINO-2-HYDROXYMETHYL-PROPANE-1,3-DIOL 'C4 H12 N O3 1'
#
# COMPACT_ATOMS: atom_id res chain seq x y z
N MET A 1 -13.69 -6.25 22.69
CA MET A 1 -12.71 -6.88 23.63
C MET A 1 -11.31 -6.29 23.37
N GLU A 2 -10.72 -5.63 24.38
CA GLU A 2 -9.33 -5.10 24.37
C GLU A 2 -8.45 -6.09 23.61
N MET A 3 -7.86 -5.65 22.48
CA MET A 3 -7.23 -6.54 21.47
C MET A 3 -5.97 -7.19 22.02
N GLU A 4 -5.23 -6.53 22.93
CA GLU A 4 -4.04 -7.09 23.63
C GLU A 4 -4.40 -8.38 24.40
N LYS A 5 -5.62 -8.46 24.94
CA LYS A 5 -6.12 -9.66 25.66
C LYS A 5 -6.56 -10.69 24.61
N GLU A 6 -7.36 -10.25 23.62
CA GLU A 6 -7.74 -11.09 22.45
C GLU A 6 -6.47 -11.70 21.86
N PHE A 7 -5.34 -10.97 21.93
CA PHE A 7 -4.05 -11.34 21.28
C PHE A 7 -3.44 -12.56 22.00
N GLU A 8 -3.26 -12.43 23.31
CA GLU A 8 -2.64 -13.47 24.18
C GLU A 8 -3.53 -14.73 24.19
N GLN A 9 -4.86 -14.56 24.15
CA GLN A 9 -5.86 -15.67 24.10
C GLN A 9 -5.76 -16.44 22.77
N ILE A 10 -5.44 -15.79 21.65
CA ILE A 10 -5.24 -16.48 20.34
C ILE A 10 -3.86 -17.18 20.34
N ASP A 11 -2.83 -16.49 20.87
CA ASP A 11 -1.45 -17.05 21.01
C ASP A 11 -1.52 -18.29 21.90
N LYS A 12 -2.05 -18.15 23.13
CA LYS A 12 -2.05 -19.26 24.12
C LYS A 12 -2.80 -20.45 23.51
N SER A 13 -3.86 -20.21 22.75
CA SER A 13 -4.71 -21.26 22.12
C SER A 13 -4.18 -21.65 20.73
N GLY A 14 -3.18 -20.94 20.20
CA GLY A 14 -2.61 -21.11 18.84
C GLY A 14 -3.66 -21.21 17.75
N SER A 15 -4.61 -20.28 17.67
CA SER A 15 -5.73 -20.34 16.69
C SER A 15 -5.60 -19.27 15.57
N TRP A 16 -4.39 -18.81 15.25
CA TRP A 16 -4.22 -17.76 14.21
C TRP A 16 -4.77 -18.24 12.87
N ALA A 17 -4.47 -19.48 12.48
CA ALA A 17 -4.97 -20.09 11.22
C ALA A 17 -6.51 -20.10 11.19
N ALA A 18 -7.16 -20.43 12.31
CA ALA A 18 -8.64 -20.50 12.39
C ALA A 18 -9.25 -19.10 12.23
N ILE A 19 -8.73 -18.09 12.94
CA ILE A 19 -9.19 -16.68 12.79
C ILE A 19 -9.06 -16.24 11.32
N TYR A 20 -7.89 -16.49 10.72
CA TYR A 20 -7.53 -16.01 9.35
C TYR A 20 -8.51 -16.63 8.35
N GLN A 21 -8.76 -17.94 8.47
CA GLN A 21 -9.69 -18.63 7.55
C GLN A 21 -11.11 -18.07 7.69
N ASP A 22 -11.55 -17.69 8.91
CA ASP A 22 -12.89 -17.06 9.13
C ASP A 22 -12.98 -15.76 8.30
N ILE A 23 -11.93 -14.94 8.32
CA ILE A 23 -11.86 -13.70 7.50
C ILE A 23 -11.97 -14.03 6.01
N ARG A 24 -11.20 -15.03 5.53
CA ARG A 24 -11.23 -15.45 4.12
C ARG A 24 -12.67 -15.86 3.72
N HIS A 25 -13.38 -16.54 4.61
CA HIS A 25 -14.77 -17.05 4.33
C HIS A 25 -15.79 -15.90 4.27
N GLU A 26 -15.67 -14.90 5.14
CA GLU A 26 -16.64 -13.77 5.25
C GLU A 26 -16.35 -12.65 4.25
N ALA A 27 -15.18 -12.63 3.59
CA ALA A 27 -14.75 -11.49 2.75
C ALA A 27 -15.70 -11.34 1.56
N SER A 28 -15.92 -10.11 1.11
CA SER A 28 -16.69 -9.71 -0.07
C SER A 28 -16.19 -10.38 -1.36
N ASP A 29 -17.12 -10.67 -2.27
CA ASP A 29 -16.82 -11.15 -3.64
C ASP A 29 -17.61 -10.26 -4.60
N PHE A 30 -16.91 -9.42 -5.36
CA PHE A 30 -17.46 -8.47 -6.33
C PHE A 30 -16.87 -8.86 -7.68
N PRO A 31 -17.50 -8.52 -8.81
CA PRO A 31 -16.89 -8.76 -10.11
C PRO A 31 -15.61 -7.92 -10.38
N SER A 32 -14.70 -8.55 -11.13
CA SER A 32 -13.47 -7.95 -11.73
C SER A 32 -13.43 -8.24 -13.23
N ARG A 33 -14.48 -7.91 -13.97
CA ARG A 33 -14.58 -8.27 -15.40
C ARG A 33 -13.56 -7.48 -16.23
N VAL A 34 -13.29 -6.20 -15.92
CA VAL A 34 -12.31 -5.43 -16.73
C VAL A 34 -10.91 -6.08 -16.61
N ALA A 35 -10.47 -6.48 -15.43
CA ALA A 35 -9.13 -7.08 -15.17
C ALA A 35 -8.93 -8.35 -16.02
N LYS A 36 -10.00 -9.12 -16.24
CA LYS A 36 -9.92 -10.42 -16.96
C LYS A 36 -10.08 -10.29 -18.47
N LEU A 37 -10.34 -9.13 -19.06
CA LEU A 37 -10.39 -8.97 -20.55
C LEU A 37 -9.04 -9.41 -21.14
N PRO A 38 -9.04 -10.19 -22.26
CA PRO A 38 -7.78 -10.66 -22.85
C PRO A 38 -6.80 -9.52 -23.19
N LYS A 39 -7.28 -8.34 -23.58
CA LYS A 39 -6.41 -7.18 -23.92
C LYS A 39 -5.60 -6.75 -22.68
N ASN A 40 -5.90 -7.24 -21.46
CA ASN A 40 -5.27 -6.74 -20.21
C ASN A 40 -4.37 -7.81 -19.59
N LYS A 41 -4.11 -8.96 -20.24
CA LYS A 41 -3.34 -10.04 -19.58
C LYS A 41 -1.94 -9.52 -19.20
N ASN A 42 -1.27 -8.74 -20.05
CA ASN A 42 0.12 -8.25 -19.78
C ASN A 42 0.10 -7.01 -18.86
N ARG A 43 -1.06 -6.64 -18.28
CA ARG A 43 -1.17 -5.54 -17.26
C ARG A 43 -1.32 -6.14 -15.86
N ASN A 44 -1.38 -7.46 -15.69
CA ASN A 44 -1.56 -8.13 -14.39
C ASN A 44 -0.34 -8.98 -14.07
N ARG A 45 0.24 -8.78 -12.90
CA ARG A 45 1.41 -9.57 -12.44
C ARG A 45 0.94 -10.99 -12.10
N TYR A 46 -0.17 -11.13 -11.38
CA TYR A 46 -0.71 -12.44 -10.87
C TYR A 46 -2.15 -12.63 -11.35
N ARG A 47 -2.44 -13.82 -11.90
CA ARG A 47 -3.77 -14.19 -12.47
C ARG A 47 -4.87 -14.16 -11.39
N ASP A 48 -4.51 -14.39 -10.13
CA ASP A 48 -5.47 -14.52 -8.99
C ASP A 48 -5.56 -13.20 -8.17
N VAL A 49 -4.96 -12.09 -8.62
CA VAL A 49 -5.04 -10.78 -7.86
C VAL A 49 -5.49 -9.72 -8.83
N SER A 50 -6.75 -9.28 -8.72
CA SER A 50 -7.43 -8.34 -9.62
C SER A 50 -8.16 -7.29 -8.78
N PRO A 51 -8.24 -6.06 -9.28
CA PRO A 51 -9.07 -5.03 -8.69
C PRO A 51 -10.56 -5.30 -9.03
N PHE A 52 -11.46 -5.09 -8.08
CA PHE A 52 -12.93 -5.10 -8.33
C PHE A 52 -13.27 -3.98 -9.30
N ASP A 53 -14.24 -4.22 -10.20
CA ASP A 53 -14.73 -3.16 -11.09
C ASP A 53 -15.20 -1.91 -10.32
N HIS A 54 -15.90 -2.06 -9.19
CA HIS A 54 -16.58 -0.90 -8.57
C HIS A 54 -15.56 0.10 -7.98
N SER A 55 -14.36 -0.36 -7.64
CA SER A 55 -13.37 0.44 -6.87
C SER A 55 -12.06 0.66 -7.67
N ARG A 56 -11.97 0.13 -8.88
CA ARG A 56 -10.69 0.21 -9.66
C ARG A 56 -10.37 1.66 -9.99
N ILE A 57 -9.05 2.01 -10.03
CA ILE A 57 -8.62 3.32 -10.58
C ILE A 57 -8.62 3.27 -12.10
N LYS A 58 -9.29 4.22 -12.73
CA LYS A 58 -9.32 4.38 -14.22
C LYS A 58 -8.25 5.39 -14.68
N LEU A 59 -7.39 4.96 -15.61
CA LEU A 59 -6.47 5.87 -16.32
C LEU A 59 -7.31 6.84 -17.16
N HIS A 60 -6.89 8.11 -17.25
CA HIS A 60 -7.58 9.17 -18.04
C HIS A 60 -7.12 9.06 -19.50
N GLN A 61 -7.69 8.11 -20.23
CA GLN A 61 -7.48 7.96 -21.70
C GLN A 61 -8.62 7.12 -22.29
N GLU A 62 -8.77 7.13 -23.62
CA GLU A 62 -9.89 6.47 -24.34
C GLU A 62 -9.40 5.09 -24.83
N ASP A 63 -8.12 4.99 -25.21
CA ASP A 63 -7.50 3.73 -25.70
C ASP A 63 -7.83 2.61 -24.71
N ASN A 64 -7.17 2.59 -23.55
CA ASN A 64 -7.36 1.51 -22.55
C ASN A 64 -7.16 2.12 -21.17
N ASP A 65 -8.20 2.12 -20.34
CA ASP A 65 -8.16 2.85 -19.03
C ASP A 65 -7.72 1.91 -17.90
N TYR A 66 -7.23 0.70 -18.18
CA TYR A 66 -7.05 -0.30 -17.13
C TYR A 66 -5.63 -0.20 -16.47
N ILE A 67 -5.63 -0.27 -15.14
CA ILE A 67 -4.42 -0.52 -14.29
C ILE A 67 -4.85 -1.40 -13.12
N ASN A 68 -3.99 -2.30 -12.67
CA ASN A 68 -4.22 -3.13 -11.48
C ASN A 68 -4.01 -2.27 -10.21
N ALA A 69 -5.05 -1.53 -9.79
CA ALA A 69 -5.02 -0.57 -8.67
C ALA A 69 -6.48 -0.33 -8.16
N SER A 70 -6.61 -0.20 -6.85
CA SER A 70 -7.92 -0.02 -6.18
C SER A 70 -7.91 1.20 -5.25
N LEU A 71 -9.05 1.91 -5.17
CA LEU A 71 -9.27 3.00 -4.18
C LEU A 71 -9.90 2.44 -2.92
N ILE A 72 -9.19 2.45 -1.79
CA ILE A 72 -9.66 2.02 -0.46
C ILE A 72 -10.14 3.33 0.23
N LYS A 73 -11.48 3.53 0.43
CA LYS A 73 -12.01 4.76 1.06
C LYS A 73 -12.57 4.48 2.46
N MET A 74 -11.90 4.94 3.53
CA MET A 74 -12.28 4.60 4.91
C MET A 74 -13.10 5.80 5.46
N GLU A 75 -14.43 5.65 5.50
CA GLU A 75 -15.40 6.75 5.79
C GLU A 75 -15.20 7.27 7.21
N GLU A 76 -15.25 6.44 8.25
CA GLU A 76 -15.16 6.92 9.65
C GLU A 76 -13.76 7.49 9.94
N ALA A 77 -12.70 6.82 9.48
CA ALA A 77 -11.32 7.34 9.69
C ALA A 77 -11.02 8.56 8.83
N GLN A 78 -11.75 8.86 7.72
CA GLN A 78 -11.47 9.99 6.82
C GLN A 78 -10.06 9.84 6.22
N ARG A 79 -9.73 8.63 5.75
CA ARG A 79 -8.45 8.37 5.04
C ARG A 79 -8.76 7.62 3.74
N SER A 80 -8.05 7.91 2.66
CA SER A 80 -8.15 7.13 1.39
C SER A 80 -6.74 6.64 1.00
N TYR A 81 -6.66 5.47 0.39
CA TYR A 81 -5.37 4.88 -0.06
C TYR A 81 -5.59 4.32 -1.45
N ILE A 82 -4.59 4.40 -2.33
CA ILE A 82 -4.61 3.57 -3.58
C ILE A 82 -3.65 2.41 -3.33
N LEU A 83 -4.12 1.15 -3.41
CA LEU A 83 -3.27 -0.06 -3.33
C LEU A 83 -3.09 -0.64 -4.72
N THR A 84 -1.83 -0.88 -5.15
CA THR A 84 -1.52 -1.30 -6.52
C THR A 84 -0.41 -2.37 -6.47
N GLN A 85 -0.27 -3.14 -7.54
CA GLN A 85 0.82 -4.14 -7.70
C GLN A 85 2.14 -3.37 -7.95
N GLY A 86 3.27 -4.01 -7.71
CA GLY A 86 4.55 -3.49 -8.24
C GLY A 86 4.47 -3.36 -9.77
N PRO A 87 4.88 -2.22 -10.37
CA PRO A 87 4.80 -2.03 -11.79
C PRO A 87 5.60 -3.08 -12.59
N LEU A 88 5.04 -3.44 -13.74
CA LEU A 88 5.63 -4.37 -14.73
C LEU A 88 6.38 -3.53 -15.77
N PRO A 89 7.29 -4.19 -16.55
CA PRO A 89 7.97 -3.49 -17.64
C PRO A 89 7.00 -2.74 -18.55
N ASN A 90 5.84 -3.30 -18.89
CA ASN A 90 4.94 -2.54 -19.79
C ASN A 90 3.92 -1.65 -19.03
N THR A 91 3.95 -1.52 -17.70
CA THR A 91 3.03 -0.62 -16.96
C THR A 91 3.75 0.45 -16.14
N VAL A 92 5.05 0.68 -16.37
CA VAL A 92 5.71 1.77 -15.60
C VAL A 92 5.13 3.14 -15.99
N GLY A 93 4.83 3.33 -17.28
CA GLY A 93 4.23 4.57 -17.81
C GLY A 93 2.81 4.77 -17.27
N HIS A 94 2.03 3.69 -17.16
CA HIS A 94 0.66 3.68 -16.55
C HIS A 94 0.73 4.14 -15.10
N PHE A 95 1.68 3.57 -14.35
CA PHE A 95 1.89 3.84 -12.91
C PHE A 95 2.03 5.36 -12.67
N TRP A 96 2.92 6.00 -13.44
CA TRP A 96 3.23 7.45 -13.33
C TRP A 96 2.04 8.27 -13.85
N GLU A 97 1.39 7.83 -14.92
CA GLU A 97 0.13 8.44 -15.42
C GLU A 97 -0.86 8.52 -14.24
N MET A 98 -1.05 7.40 -13.52
CA MET A 98 -1.98 7.33 -12.37
C MET A 98 -1.55 8.35 -11.30
N VAL A 99 -0.28 8.30 -10.84
CA VAL A 99 0.21 9.17 -9.74
C VAL A 99 -0.14 10.62 -10.08
N TRP A 100 0.10 11.03 -11.34
CA TRP A 100 -0.18 12.41 -11.86
C TRP A 100 -1.69 12.70 -11.84
N GLU A 101 -2.48 11.81 -12.44
CA GLU A 101 -3.94 12.02 -12.65
C GLU A 101 -4.67 12.09 -11.29
N GLN A 102 -4.19 11.35 -10.28
CA GLN A 102 -4.84 11.25 -8.94
C GLN A 102 -4.31 12.31 -7.96
N LYS A 103 -3.28 13.08 -8.34
CA LYS A 103 -2.68 14.19 -7.54
C LYS A 103 -2.08 13.67 -6.22
N SER A 104 -1.52 12.46 -6.21
CA SER A 104 -0.82 11.91 -5.05
C SER A 104 0.46 12.72 -4.74
N ARG A 105 0.82 12.81 -3.48
CA ARG A 105 2.08 13.46 -2.99
C ARG A 105 3.14 12.39 -2.74
N GLY A 106 2.74 11.19 -2.32
CA GLY A 106 3.62 10.13 -1.77
C GLY A 106 3.42 8.82 -2.50
N VAL A 107 4.49 8.06 -2.71
CA VAL A 107 4.47 6.61 -3.11
C VAL A 107 5.14 5.84 -2.01
N VAL A 108 4.51 4.79 -1.50
CA VAL A 108 5.03 3.91 -0.43
C VAL A 108 5.36 2.54 -1.07
N MET A 109 6.65 2.13 -1.02
CA MET A 109 7.16 0.84 -1.57
C MET A 109 7.60 -0.09 -0.42
N LEU A 110 7.04 -1.32 -0.34
CA LEU A 110 7.31 -2.20 0.84
C LEU A 110 8.13 -3.46 0.42
N ASN A 111 8.65 -3.47 -0.78
CA ASN A 111 9.43 -4.63 -1.32
C ASN A 111 10.77 -4.12 -1.90
N ARG A 112 11.70 -5.06 -2.16
CA ARG A 112 12.94 -4.80 -2.97
C ARG A 112 12.62 -5.26 -4.39
N VAL A 113 13.32 -4.67 -5.37
CA VAL A 113 13.19 -4.97 -6.79
C VAL A 113 13.50 -6.46 -7.01
N MET A 114 14.54 -6.98 -6.36
CA MET A 114 14.82 -8.43 -6.36
C MET A 114 14.63 -9.02 -4.95
N GLU A 115 13.83 -10.10 -4.83
CA GLU A 115 13.72 -10.87 -3.54
C GLU A 115 13.69 -12.36 -3.91
N LYS A 116 14.26 -13.22 -3.07
CA LYS A 116 14.26 -14.69 -3.34
C LYS A 116 14.88 -15.01 -4.72
N GLY A 117 15.81 -14.18 -5.21
CA GLY A 117 16.45 -14.40 -6.54
C GLY A 117 15.59 -14.14 -7.75
N SER A 118 14.42 -13.46 -7.63
CA SER A 118 13.51 -13.20 -8.77
C SER A 118 13.09 -11.74 -8.79
N LEU A 119 12.65 -11.23 -9.93
CA LEU A 119 12.27 -9.79 -9.98
C LEU A 119 10.84 -9.66 -9.39
N LYS A 120 10.65 -8.78 -8.41
CA LYS A 120 9.32 -8.55 -7.78
C LYS A 120 8.65 -7.29 -8.33
N CYS A 121 9.39 -6.38 -8.98
CA CYS A 121 8.84 -5.20 -9.67
C CYS A 121 9.94 -4.52 -10.50
N ALA A 122 9.51 -3.78 -11.52
CA ALA A 122 10.41 -3.06 -12.44
C ALA A 122 11.20 -1.99 -11.66
N GLN A 123 12.41 -1.64 -12.14
CA GLN A 123 13.17 -0.48 -11.63
C GLN A 123 12.48 0.77 -12.21
N TYR A 124 11.50 1.37 -11.53
CA TYR A 124 10.56 2.34 -12.12
C TYR A 124 10.89 3.79 -11.75
N TRP A 125 12.03 3.99 -11.03
CA TRP A 125 12.47 5.37 -10.68
C TRP A 125 13.99 5.47 -10.97
N PRO A 126 14.50 6.69 -11.26
CA PRO A 126 15.93 6.90 -11.59
C PRO A 126 16.84 6.82 -10.37
N GLN A 127 18.04 6.24 -10.57
CA GLN A 127 19.00 5.94 -9.48
C GLN A 127 20.11 7.03 -9.38
N LYS A 128 20.25 7.83 -10.41
CA LYS A 128 21.24 8.93 -10.50
C LYS A 128 20.59 10.21 -10.96
N GLU A 129 20.97 11.32 -10.31
CA GLU A 129 20.44 12.67 -10.65
C GLU A 129 20.53 12.96 -12.15
N GLU A 130 21.72 12.74 -12.76
CA GLU A 130 22.00 13.19 -14.15
C GLU A 130 21.42 12.21 -15.20
N LYS A 131 20.76 11.13 -14.79
CA LYS A 131 20.14 10.16 -15.75
C LYS A 131 18.62 10.06 -15.47
N GLU A 132 17.87 11.01 -15.99
CA GLU A 132 16.40 11.06 -15.80
C GLU A 132 15.74 9.96 -16.65
N MET A 133 14.44 9.69 -16.40
CA MET A 133 13.66 8.68 -17.14
C MET A 133 12.55 9.40 -17.89
N ILE A 134 12.33 9.01 -19.13
CA ILE A 134 11.21 9.51 -19.96
C ILE A 134 10.31 8.29 -20.25
N PHE A 135 9.00 8.44 -20.03
CA PHE A 135 8.00 7.36 -20.25
C PHE A 135 7.28 7.66 -21.57
N GLU A 136 7.77 7.04 -22.65
CA GLU A 136 7.38 7.32 -24.05
C GLU A 136 5.85 7.27 -24.18
N ASP A 137 5.23 6.23 -23.61
CA ASP A 137 3.80 5.89 -23.84
C ASP A 137 2.89 6.87 -23.10
N THR A 138 3.38 7.61 -22.10
CA THR A 138 2.53 8.48 -21.21
C THR A 138 3.00 9.95 -21.20
N ASN A 139 4.06 10.30 -21.92
CA ASN A 139 4.49 11.72 -22.12
C ASN A 139 4.84 12.38 -20.78
N LEU A 140 5.61 11.69 -19.92
CA LEU A 140 6.05 12.19 -18.58
C LEU A 140 7.57 12.03 -18.41
N LYS A 141 8.18 12.89 -17.58
CA LYS A 141 9.62 12.86 -17.24
C LYS A 141 9.75 12.79 -15.73
N LEU A 142 10.69 11.98 -15.25
CA LEU A 142 10.90 11.73 -13.82
C LEU A 142 12.42 11.90 -13.53
N THR A 143 12.74 12.78 -12.61
CA THR A 143 14.13 13.11 -12.18
C THR A 143 14.33 12.84 -10.70
N LEU A 144 15.43 12.20 -10.33
CA LEU A 144 15.88 12.08 -8.95
C LEU A 144 16.45 13.41 -8.46
N ILE A 145 15.90 13.96 -7.37
CA ILE A 145 16.32 15.28 -6.79
C ILE A 145 17.28 15.04 -5.63
N SER A 146 16.99 14.13 -4.73
CA SER A 146 17.80 13.79 -3.54
C SER A 146 17.39 12.43 -3.00
N GLU A 147 18.25 11.86 -2.18
CA GLU A 147 18.07 10.51 -1.60
C GLU A 147 18.62 10.55 -0.18
N ASP A 148 17.86 10.06 0.81
CA ASP A 148 18.31 9.91 2.22
C ASP A 148 18.23 8.43 2.61
N ILE A 149 19.36 7.73 2.70
CA ILE A 149 19.43 6.27 2.99
C ILE A 149 19.64 6.04 4.48
N LYS A 150 18.70 5.38 5.16
CA LYS A 150 18.76 5.03 6.58
C LYS A 150 18.79 3.53 6.72
N SER A 151 18.90 3.02 7.93
CA SER A 151 19.16 1.58 8.18
C SER A 151 17.98 0.68 7.79
N TYR A 152 16.76 1.19 7.88
CA TYR A 152 15.53 0.37 7.68
C TYR A 152 14.73 0.87 6.45
N TYR A 153 14.92 2.11 6.03
CA TYR A 153 14.20 2.71 4.87
C TYR A 153 15.11 3.76 4.19
N THR A 154 14.65 4.17 2.98
CA THR A 154 15.22 5.26 2.17
C THR A 154 14.09 6.21 1.77
N VAL A 155 14.29 7.53 1.85
CA VAL A 155 13.34 8.53 1.32
C VAL A 155 13.99 9.24 0.16
N ARG A 156 13.27 9.31 -0.93
CA ARG A 156 13.71 10.02 -2.15
C ARG A 156 12.78 11.18 -2.48
N GLN A 157 13.35 12.31 -2.89
CA GLN A 157 12.60 13.40 -3.54
C GLN A 157 12.70 13.27 -5.05
N LEU A 158 11.55 13.18 -5.77
CA LEU A 158 11.47 13.05 -7.24
C LEU A 158 10.74 14.25 -7.82
N GLU A 159 11.07 14.63 -9.05
CA GLU A 159 10.32 15.65 -9.80
C GLU A 159 9.63 14.94 -10.96
N LEU A 160 8.30 15.11 -11.04
CA LEU A 160 7.43 14.57 -12.12
C LEU A 160 6.94 15.75 -12.99
N GLU A 161 7.17 15.71 -14.30
CA GLU A 161 6.84 16.81 -15.25
C GLU A 161 5.90 16.31 -16.35
N ASN A 162 4.74 16.97 -16.50
CA ASN A 162 3.83 16.83 -17.66
C ASN A 162 4.49 17.50 -18.87
N LEU A 163 5.06 16.71 -19.78
CA LEU A 163 5.86 17.23 -20.92
C LEU A 163 5.04 18.30 -21.67
N THR A 164 3.81 17.97 -22.09
CA THR A 164 3.00 18.85 -22.97
C THR A 164 2.67 20.17 -22.26
N THR A 165 2.36 20.11 -20.96
CA THR A 165 1.98 21.29 -20.12
C THR A 165 3.23 21.97 -19.57
N GLN A 166 4.26 21.18 -19.26
CA GLN A 166 5.56 21.61 -18.66
C GLN A 166 5.36 21.87 -17.17
N GLU A 167 4.18 21.52 -16.63
CA GLU A 167 3.89 21.48 -15.17
C GLU A 167 4.84 20.50 -14.47
N THR A 168 5.33 20.85 -13.28
CA THR A 168 6.20 20.00 -12.44
C THR A 168 5.53 19.78 -11.08
N ARG A 169 5.87 18.68 -10.40
CA ARG A 169 5.36 18.33 -9.06
C ARG A 169 6.43 17.56 -8.29
N GLU A 170 6.56 17.82 -6.99
CA GLU A 170 7.45 17.07 -6.11
C GLU A 170 6.70 15.83 -5.57
N ILE A 171 7.21 14.63 -5.87
CA ILE A 171 6.71 13.34 -5.30
C ILE A 171 7.71 12.80 -4.28
N LEU A 172 7.26 12.40 -3.12
CA LEU A 172 8.12 11.77 -2.11
C LEU A 172 8.01 10.22 -2.24
N HIS A 173 9.12 9.52 -2.37
CA HIS A 173 9.21 8.02 -2.45
C HIS A 173 9.69 7.46 -1.11
N PHE A 174 8.80 6.79 -0.36
CA PHE A 174 9.10 6.14 0.94
C PHE A 174 9.31 4.64 0.70
N HIS A 175 10.57 4.20 0.80
CA HIS A 175 11.01 2.82 0.47
C HIS A 175 11.41 2.06 1.70
N TYR A 176 10.56 1.17 2.22
CA TYR A 176 10.85 0.26 3.35
C TYR A 176 11.68 -0.91 2.79
N THR A 177 12.96 -0.97 3.15
CA THR A 177 13.97 -1.86 2.47
C THR A 177 14.33 -3.14 3.25
N THR A 178 13.77 -3.40 4.43
CA THR A 178 14.24 -4.47 5.35
C THR A 178 13.17 -5.50 5.68
N TRP A 179 12.01 -5.55 4.97
CA TRP A 179 11.06 -6.66 5.21
C TRP A 179 11.77 -7.95 4.79
N PRO A 180 11.79 -9.01 5.63
CA PRO A 180 12.53 -10.23 5.28
C PRO A 180 11.96 -10.99 4.08
N ASP A 181 12.83 -11.71 3.32
CA ASP A 181 12.38 -12.48 2.12
C ASP A 181 11.29 -13.49 2.56
N PHE A 182 11.40 -14.11 3.74
CA PHE A 182 10.39 -15.07 4.28
C PHE A 182 9.80 -14.56 5.61
N GLY A 183 8.50 -14.80 5.82
CA GLY A 183 7.83 -14.44 7.08
C GLY A 183 7.63 -12.92 7.28
N VAL A 184 7.56 -12.48 8.55
CA VAL A 184 7.26 -11.08 8.95
C VAL A 184 8.38 -10.62 9.87
N PRO A 185 8.59 -9.30 10.10
CA PRO A 185 9.60 -8.85 11.06
C PRO A 185 9.28 -9.37 12.48
N GLU A 186 10.34 -9.62 13.28
CA GLU A 186 10.21 -10.11 14.67
C GLU A 186 9.55 -9.04 15.55
N SER A 187 9.94 -7.78 15.36
CA SER A 187 9.41 -6.59 16.08
C SER A 187 8.79 -5.60 15.09
N PRO A 188 7.65 -4.95 15.44
CA PRO A 188 7.05 -3.98 14.54
C PRO A 188 7.63 -2.57 14.71
N ALA A 189 8.69 -2.44 15.50
CA ALA A 189 9.22 -1.10 15.82
C ALA A 189 9.68 -0.35 14.58
N SER A 190 10.46 -0.94 13.67
CA SER A 190 10.94 -0.17 12.49
C SER A 190 9.78 0.13 11.50
N PHE A 191 8.81 -0.78 11.34
CA PHE A 191 7.62 -0.58 10.45
C PHE A 191 6.78 0.61 10.97
N LEU A 192 6.54 0.66 12.29
CA LEU A 192 5.79 1.79 12.95
C LEU A 192 6.59 3.08 12.78
N ASN A 193 7.90 3.11 13.05
CA ASN A 193 8.76 4.29 12.76
C ASN A 193 8.55 4.81 11.31
N PHE A 194 8.54 3.90 10.34
CA PHE A 194 8.38 4.20 8.91
C PHE A 194 7.00 4.85 8.66
N LEU A 195 5.95 4.24 9.21
CA LEU A 195 4.54 4.74 9.03
C LEU A 195 4.48 6.18 9.57
N PHE A 196 5.13 6.43 10.72
CA PHE A 196 5.14 7.78 11.33
C PHE A 196 5.91 8.75 10.45
N LYS A 197 6.96 8.34 9.75
CA LYS A 197 7.66 9.23 8.77
C LYS A 197 6.78 9.56 7.58
N VAL A 198 6.02 8.57 7.05
CA VAL A 198 5.11 8.88 5.93
C VAL A 198 4.05 9.91 6.44
N ARG A 199 3.50 9.69 7.61
CA ARG A 199 2.44 10.63 8.15
C ARG A 199 3.02 12.06 8.25
N GLU A 200 4.23 12.18 8.81
CA GLU A 200 4.85 13.51 9.05
C GLU A 200 5.07 14.27 7.75
N SER A 201 5.21 13.57 6.63
CA SER A 201 5.45 14.22 5.32
C SER A 201 4.25 14.98 4.74
N GLY A 202 3.02 14.72 5.22
CA GLY A 202 1.79 15.24 4.58
C GLY A 202 1.20 14.32 3.52
N SER A 203 1.89 13.23 3.19
CA SER A 203 1.45 12.36 2.05
C SER A 203 0.07 11.73 2.31
N LEU A 204 -0.33 11.57 3.58
CA LEU A 204 -1.60 10.84 3.95
C LEU A 204 -2.73 11.83 4.20
N SER A 205 -2.45 13.10 4.01
CA SER A 205 -3.37 14.18 4.44
C SER A 205 -4.35 14.57 3.34
N PRO A 206 -5.56 15.10 3.72
CA PRO A 206 -6.62 15.41 2.74
C PRO A 206 -6.36 16.54 1.75
N GLU A 207 -5.33 17.35 1.98
CA GLU A 207 -4.98 18.39 0.99
C GLU A 207 -4.33 17.77 -0.27
N HIS A 208 -3.98 16.48 -0.25
CA HIS A 208 -3.38 15.79 -1.43
C HIS A 208 -4.32 14.67 -1.91
N GLY A 209 -4.18 14.21 -3.15
CA GLY A 209 -4.71 12.92 -3.62
C GLY A 209 -4.27 11.77 -2.72
N PRO A 210 -4.92 10.57 -2.82
CA PRO A 210 -4.53 9.45 -1.97
C PRO A 210 -3.07 9.00 -2.20
N VAL A 211 -2.40 8.59 -1.13
CA VAL A 211 -1.08 7.90 -1.18
C VAL A 211 -1.19 6.65 -2.08
N VAL A 212 -0.19 6.41 -2.91
CA VAL A 212 -0.10 5.13 -3.69
C VAL A 212 0.76 4.16 -2.89
N VAL A 213 0.24 2.97 -2.51
CA VAL A 213 0.96 1.96 -1.68
C VAL A 213 1.14 0.68 -2.52
N HIS A 214 2.33 0.11 -2.59
CA HIS A 214 2.55 -1.18 -3.33
C HIS A 214 3.58 -2.07 -2.64
N CYS A 215 3.46 -3.36 -2.95
CA CYS A 215 4.48 -4.40 -2.68
C CYS A 215 4.66 -5.17 -3.98
N SER A 216 4.74 -6.51 -3.99
CA SER A 216 4.70 -7.20 -5.31
C SER A 216 3.26 -7.35 -5.85
N ALA A 217 2.32 -7.94 -5.07
CA ALA A 217 0.91 -8.11 -5.52
C ALA A 217 0.04 -6.92 -5.08
N GLY A 218 0.50 -6.10 -4.15
CA GLY A 218 -0.32 -5.01 -3.59
C GLY A 218 -1.48 -5.46 -2.68
N ILE A 219 -1.35 -6.55 -1.94
CA ILE A 219 -2.39 -7.02 -0.96
C ILE A 219 -1.82 -7.42 0.38
N GLY A 220 -0.59 -7.94 0.44
CA GLY A 220 -0.06 -8.49 1.70
C GLY A 220 0.60 -7.45 2.60
N ARG A 221 1.88 -7.13 2.36
CA ARG A 221 2.54 -6.00 3.08
C ARG A 221 1.73 -4.69 2.91
N SER A 222 1.25 -4.42 1.71
CA SER A 222 0.43 -3.19 1.43
C SER A 222 -0.79 -3.17 2.37
N GLY A 223 -1.49 -4.30 2.50
CA GLY A 223 -2.64 -4.48 3.42
C GLY A 223 -2.28 -4.17 4.86
N THR A 224 -1.12 -4.60 5.30
CA THR A 224 -0.65 -4.42 6.68
C THR A 224 -0.45 -2.91 6.96
N PHE A 225 0.15 -2.20 6.01
CA PHE A 225 0.40 -0.74 6.11
C PHE A 225 -0.95 0.02 6.31
N CYS A 226 -1.93 -0.15 5.40
CA CYS A 226 -3.21 0.62 5.51
C CYS A 226 -3.99 0.18 6.76
N LEU A 227 -4.04 -1.10 7.08
CA LEU A 227 -4.81 -1.62 8.24
C LEU A 227 -4.26 -1.00 9.54
N ALA A 228 -2.93 -0.97 9.70
CA ALA A 228 -2.32 -0.44 10.93
C ALA A 228 -2.63 1.06 11.00
N ASP A 229 -2.40 1.80 9.93
CA ASP A 229 -2.65 3.27 9.91
C ASP A 229 -4.12 3.58 10.31
N THR A 230 -5.09 2.96 9.65
CA THR A 230 -6.55 3.23 9.91
C THR A 230 -6.89 2.85 11.36
N CYS A 231 -6.43 1.70 11.88
CA CYS A 231 -6.79 1.28 13.26
C CYS A 231 -6.28 2.32 14.29
N LEU A 232 -5.03 2.75 14.15
CA LEU A 232 -4.44 3.77 15.08
C LEU A 232 -5.17 5.11 14.98
N LEU A 233 -5.58 5.54 13.79
CA LEU A 233 -6.37 6.80 13.65
C LEU A 233 -7.73 6.64 14.36
N LEU A 234 -8.43 5.51 14.18
CA LEU A 234 -9.73 5.27 14.87
C LEU A 234 -9.55 5.27 16.40
N MET A 235 -8.42 4.76 16.92
CA MET A 235 -8.15 4.74 18.39
C MET A 235 -8.01 6.18 18.94
N ASP A 236 -7.52 7.12 18.14
CA ASP A 236 -7.34 8.55 18.55
C ASP A 236 -8.64 9.36 18.40
N LYS A 237 -9.62 8.88 17.63
CA LYS A 237 -10.89 9.60 17.35
C LYS A 237 -11.98 9.17 18.35
N ARG A 238 -12.02 7.90 18.78
CA ARG A 238 -13.15 7.30 19.56
C ARG A 238 -13.01 7.57 21.07
N LYS A 239 -14.13 7.66 21.79
CA LYS A 239 -14.12 7.79 23.28
C LYS A 239 -13.45 6.55 23.89
N ASP A 240 -13.76 5.36 23.38
CA ASP A 240 -13.26 4.07 23.91
C ASP A 240 -12.38 3.42 22.86
N PRO A 241 -11.03 3.57 22.94
CA PRO A 241 -10.12 2.95 21.97
C PRO A 241 -10.15 1.41 21.95
N SER A 242 -10.67 0.75 23.00
CA SER A 242 -10.80 -0.73 23.05
C SER A 242 -11.97 -1.21 22.18
N SER A 243 -12.83 -0.31 21.66
CA SER A 243 -13.95 -0.64 20.75
C SER A 243 -13.46 -0.96 19.33
N VAL A 244 -12.25 -0.51 18.97
CA VAL A 244 -11.69 -0.70 17.58
C VAL A 244 -11.47 -2.20 17.35
N ASP A 245 -12.16 -2.77 16.36
CA ASP A 245 -12.14 -4.22 16.08
C ASP A 245 -11.33 -4.43 14.78
N ILE A 246 -10.11 -4.94 14.87
CA ILE A 246 -9.17 -4.99 13.69
C ILE A 246 -9.75 -5.95 12.64
N LYS A 247 -10.42 -7.02 13.06
CA LYS A 247 -11.05 -7.96 12.11
C LYS A 247 -12.15 -7.24 11.34
N LYS A 248 -12.97 -6.41 12.01
CA LYS A 248 -14.04 -5.66 11.31
C LYS A 248 -13.46 -4.58 10.39
N VAL A 249 -12.37 -3.92 10.78
CA VAL A 249 -11.74 -2.92 9.87
C VAL A 249 -11.22 -3.63 8.60
N LEU A 250 -10.55 -4.77 8.76
CA LEU A 250 -9.96 -5.54 7.63
C LEU A 250 -11.10 -5.98 6.70
N LEU A 251 -12.21 -6.49 7.24
CA LEU A 251 -13.34 -6.86 6.34
C LEU A 251 -13.93 -5.65 5.61
N GLU A 252 -14.03 -4.46 6.23
CA GLU A 252 -14.43 -3.22 5.53
C GLU A 252 -13.44 -2.93 4.38
N MET A 253 -12.14 -3.00 4.63
CA MET A 253 -11.13 -2.72 3.57
C MET A 253 -11.22 -3.76 2.43
N ARG A 254 -11.55 -5.03 2.75
CA ARG A 254 -11.74 -6.11 1.75
C ARG A 254 -12.97 -5.90 0.87
N LYS A 255 -13.86 -4.96 1.20
CA LYS A 255 -14.93 -4.55 0.26
C LYS A 255 -14.28 -3.89 -0.96
N PHE A 256 -13.05 -3.30 -0.82
CA PHE A 256 -12.47 -2.42 -1.88
C PHE A 256 -11.33 -3.10 -2.68
N ARG A 257 -10.62 -4.02 -2.07
CA ARG A 257 -9.61 -4.87 -2.76
C ARG A 257 -9.57 -6.25 -2.14
N MET A 258 -9.54 -7.30 -3.00
CA MET A 258 -9.49 -8.70 -2.55
C MET A 258 -8.14 -9.02 -1.86
N GLY A 259 -8.17 -9.91 -0.87
CA GLY A 259 -6.98 -10.68 -0.41
C GLY A 259 -6.07 -9.93 0.55
N LEU A 260 -6.48 -8.74 1.05
CA LEU A 260 -5.64 -7.92 1.95
C LEU A 260 -5.30 -8.73 3.20
N ILE A 261 -3.98 -8.85 3.51
CA ILE A 261 -3.38 -9.76 4.51
C ILE A 261 -3.43 -11.18 3.93
N GLN A 262 -2.28 -11.67 3.52
CA GLN A 262 -2.10 -12.93 2.72
C GLN A 262 -1.86 -14.17 3.59
N THR A 263 -1.50 -14.02 4.86
CA THR A 263 -1.14 -15.16 5.75
C THR A 263 -1.62 -14.87 7.18
N ALA A 264 -1.76 -15.92 8.00
CA ALA A 264 -2.01 -15.81 9.46
C ALA A 264 -0.87 -15.05 10.14
N ASP A 265 0.37 -15.23 9.70
CA ASP A 265 1.53 -14.48 10.28
C ASP A 265 1.40 -12.97 9.99
N GLN A 266 1.01 -12.55 8.78
CA GLN A 266 0.71 -11.11 8.48
C GLN A 266 -0.45 -10.62 9.39
N LEU A 267 -1.46 -11.46 9.66
CA LEU A 267 -2.58 -11.03 10.55
C LEU A 267 -2.03 -10.79 11.95
N ARG A 268 -1.27 -11.73 12.53
CA ARG A 268 -0.65 -11.54 13.87
C ARG A 268 0.24 -10.31 13.90
N PHE A 269 1.04 -10.07 12.86
CA PHE A 269 1.97 -8.92 12.82
C PHE A 269 1.17 -7.61 12.85
N SER A 270 0.02 -7.56 12.16
CA SER A 270 -0.89 -6.38 12.11
C SER A 270 -1.41 -6.12 13.54
N TYR A 271 -1.90 -7.13 14.25
CA TYR A 271 -2.34 -6.94 15.66
C TYR A 271 -1.17 -6.38 16.47
N LEU A 272 0.02 -6.97 16.31
CA LEU A 272 1.22 -6.56 17.09
C LEU A 272 1.54 -5.09 16.85
N ALA A 273 1.56 -4.67 15.57
CA ALA A 273 1.87 -3.27 15.23
C ALA A 273 0.85 -2.31 15.85
N VAL A 274 -0.44 -2.63 15.81
CA VAL A 274 -1.48 -1.70 16.34
C VAL A 274 -1.33 -1.64 17.88
N ILE A 275 -1.16 -2.79 18.52
CA ILE A 275 -1.02 -2.85 20.02
C ILE A 275 0.18 -2.00 20.44
N GLU A 276 1.33 -2.19 19.81
CA GLU A 276 2.57 -1.44 20.16
C GLU A 276 2.46 0.05 19.76
N GLY A 277 1.91 0.33 18.58
CA GLY A 277 1.77 1.71 18.09
C GLY A 277 0.87 2.56 18.98
N ALA A 278 -0.15 1.94 19.60
CA ALA A 278 -1.07 2.60 20.55
C ALA A 278 -0.28 3.04 21.79
N LYS A 279 0.51 2.12 22.37
CA LYS A 279 1.34 2.34 23.60
C LYS A 279 2.20 3.60 23.43
N PHE A 280 2.81 3.78 22.25
CA PHE A 280 3.78 4.85 21.92
C PHE A 280 3.09 6.23 21.89
N ILE A 281 1.76 6.27 21.71
CA ILE A 281 0.94 7.51 21.75
C ILE A 281 0.06 7.50 23.02
N MET A 282 -0.73 6.44 23.22
CA MET A 282 -1.59 6.22 24.42
C MET A 282 -0.73 5.68 25.57
N GLY A 283 0.24 6.47 26.05
CA GLY A 283 1.18 6.05 27.11
C GLY A 283 2.46 6.88 27.08
N ASP A 284 3.20 6.82 25.96
CA ASP A 284 4.49 7.53 25.74
C ASP A 284 4.22 8.86 25.02
C TRS B . -18.60 3.22 -5.42
C1 TRS B . -18.04 1.89 -4.90
C2 TRS B . -19.64 3.85 -4.47
C3 TRS B . -19.28 3.03 -6.73
N TRS B . -17.47 4.21 -5.73
O1 TRS B . -16.64 2.02 -4.53
O2 TRS B . -19.24 3.80 -3.12
O3 TRS B . -18.54 2.23 -7.72
H11 TRS B . -18.12 1.21 -5.60
H12 TRS B . -18.55 1.59 -4.12
H21 TRS B . -20.49 3.37 -4.57
H22 TRS B . -19.79 4.77 -4.74
H31 TRS B . -19.45 3.91 -7.11
H32 TRS B . -20.14 2.61 -6.57
HN1 TRS B . -17.48 4.45 -6.62
HN2 TRS B . -16.67 3.82 -5.56
HN3 TRS B . -17.56 4.95 -5.24
HO1 TRS B . -16.20 1.32 -4.25
HO2 TRS B . -19.67 4.04 -2.51
HO3 TRS B . -17.72 2.46 -7.72
C10 A1ABN C . 0.16 11.17 -25.37
C13 A1ABN C . 2.21 12.24 -26.45
C15 A1ABN C . -0.79 11.95 -21.93
C17 A1ABN C . -0.55 12.05 -19.39
C20 A1ABN C . 0.04 13.69 -17.09
C21 A1ABN C . -0.44 14.27 -18.27
C22 A1ABN C . -0.73 13.47 -19.38
C02 A1ABN C . -2.24 9.21 -21.50
C04 A1ABN C . -2.26 10.49 -20.70
C05 A1ABN C . -3.15 11.53 -21.42
C07 A1ABN C . -2.57 12.82 -23.55
C08 A1ABN C . -1.93 11.91 -24.60
C11 A1ABN C . 0.70 12.16 -26.39
C12 A1ABN C . 1.41 13.36 -25.82
C14 A1ABN C . -0.16 11.14 -23.08
C16 A1ABN C . -0.85 11.17 -20.60
C18 A1ABN C . -0.05 11.51 -18.17
C19 A1ABN C . 0.24 12.29 -17.05
N01 A1ABN C . -1.42 8.16 -20.97
N06 A1ABN C . -2.22 12.45 -22.18
N09 A1ABN C . -0.48 11.95 -24.27
O03 A1ABN C . -2.86 9.04 -22.53
H101 A1ABN C . -0.59 10.48 -25.78
H102 A1ABN C . 0.90 10.52 -24.92
H132 A1ABN C . 2.80 11.59 -25.80
H131 A1ABN C . 2.71 12.42 -27.39
H151 A1ABN C . -0.17 12.79 -21.75
H201 A1ABN C . 0.27 14.31 -16.24
H211 A1ABN C . -0.60 15.36 -18.30
H221 A1ABN C . -1.11 13.97 -20.27
H041 A1ABN C . -2.56 10.25 -19.70
H051 A1ABN C . -3.87 11.13 -22.16
H052 A1ABN C . -3.79 12.14 -20.73
H072 A1ABN C . -2.34 13.87 -23.72
H071 A1ABN C . -3.65 12.73 -23.54
H081 A1ABN C . -2.03 12.24 -25.63
H082 A1ABN C . -2.42 10.93 -24.63
H111 A1ABN C . 0.13 12.27 -27.30
H122 A1ABN C . 1.47 13.50 -24.74
H121 A1ABN C . 1.34 14.31 -26.33
H142 A1ABN C . -0.42 10.07 -23.16
H141 A1ABN C . 0.94 11.03 -23.05
H161 A1ABN C . -0.11 10.37 -20.82
H181 A1ABN C . 0.13 10.42 -18.08
H191 A1ABN C . 0.63 11.86 -16.11
H011 A1ABN C . -0.90 8.23 -20.16
H012 A1ABN C . -1.36 7.30 -21.45
#